data_4YRU
#
_entry.id   4YRU
#
_cell.length_a   72.680
_cell.length_b   88.800
_cell.length_c   100.670
_cell.angle_alpha   90.00
_cell.angle_beta   90.00
_cell.angle_gamma   90.00
#
_symmetry.space_group_name_H-M   'P 21 21 21'
#
loop_
_entity.id
_entity.type
_entity.pdbx_description
1 polymer 'Neuronal calcium sensor 1'
2 non-polymer 'CALCIUM ION'
3 water water
#
_entity_poly.entity_id   1
_entity_poly.type   'polypeptide(L)'
_entity_poly.pdbx_seq_one_letter_code
;MGKSNSKLKPEVVEELTRKTYFTEKEVQQWYKGFIKDCPSGQLDAAGFQKIYKQFFPFGDPTKFATFVFNVFDENKDGRI
EFSEFIQALSVTSRGTLDEKLRWAFKLYDLDNDGYITRNEMLDIVDAIYQMVGNTVELPEEENTPEKRVDRIFAMMDKNA
DGKLTLQEFQEGSKADP
;
_entity_poly.pdbx_strand_id   A,B,C,D
#
loop_
_chem_comp.id
_chem_comp.type
_chem_comp.name
_chem_comp.formula
CA non-polymer 'CALCIUM ION' 'Ca 2'
#
# COMPACT_ATOMS: atom_id res chain seq x y z
N LEU A 16 0.73 20.82 26.70
CA LEU A 16 -0.15 21.18 27.80
C LEU A 16 -1.19 20.09 28.01
N THR A 17 -0.74 18.84 28.03
CA THR A 17 -1.66 17.73 28.21
C THR A 17 -1.59 17.12 29.62
N ARG A 18 -2.19 17.81 30.57
CA ARG A 18 -2.36 17.32 31.94
C ARG A 18 -3.58 16.39 31.98
N LYS A 19 -4.05 16.05 30.79
CA LYS A 19 -5.28 15.30 30.59
C LYS A 19 -4.96 13.82 30.44
N THR A 20 -3.68 13.50 30.63
CA THR A 20 -3.16 12.15 30.44
C THR A 20 -2.36 11.73 31.67
N TYR A 21 -2.49 10.47 32.08
CA TYR A 21 -1.81 9.91 33.25
C TYR A 21 -0.30 10.20 33.35
N PHE A 22 0.19 11.16 32.57
CA PHE A 22 1.57 11.59 32.64
C PHE A 22 1.68 12.93 33.35
N THR A 23 2.78 13.15 34.05
CA THR A 23 3.01 14.46 34.62
C THR A 23 3.61 15.30 33.49
N GLU A 24 3.64 16.62 33.66
CA GLU A 24 4.17 17.48 32.61
C GLU A 24 5.69 17.46 32.66
N LYS A 25 6.22 16.65 33.57
CA LYS A 25 7.65 16.39 33.66
C LYS A 25 7.95 15.17 32.80
N GLU A 26 6.98 14.27 32.73
CA GLU A 26 7.09 13.04 31.92
C GLU A 26 6.80 13.31 30.45
N VAL A 27 5.91 14.27 30.19
CA VAL A 27 5.53 14.67 28.83
C VAL A 27 6.71 15.29 28.09
N GLN A 28 7.54 16.01 28.82
CA GLN A 28 8.71 16.64 28.23
C GLN A 28 9.67 15.59 27.68
N GLN A 29 9.86 14.53 28.45
CA GLN A 29 10.74 13.42 28.08
C GLN A 29 10.21 12.60 26.90
N TRP A 30 8.89 12.44 26.83
CA TRP A 30 8.28 11.65 25.75
C TRP A 30 8.33 12.36 24.39
N TYR A 31 8.35 13.69 24.41
CA TYR A 31 8.49 14.45 23.16
C TYR A 31 9.94 14.37 22.70
N LYS A 32 10.85 14.37 23.68
CA LYS A 32 12.27 14.23 23.43
C LYS A 32 12.57 12.91 22.74
N GLY A 33 11.85 11.86 23.14
CA GLY A 33 12.03 10.55 22.55
C GLY A 33 11.32 10.42 21.21
N PHE A 34 10.26 11.19 21.03
CA PHE A 34 9.45 11.16 19.81
C PHE A 34 10.25 11.69 18.62
N ILE A 35 10.83 12.87 18.80
CA ILE A 35 11.65 13.51 17.76
C ILE A 35 12.99 12.78 17.61
N LYS A 36 13.26 11.87 18.54
CA LYS A 36 14.46 11.04 18.50
C LYS A 36 14.21 9.84 17.60
N ASP A 37 13.05 9.23 17.78
CA ASP A 37 12.54 8.22 16.84
C ASP A 37 12.36 8.89 15.48
N CYS A 38 11.13 9.31 15.20
CA CYS A 38 10.81 9.96 13.92
C CYS A 38 10.87 11.48 14.07
N PRO A 39 11.96 12.10 13.58
CA PRO A 39 12.23 13.54 13.69
C PRO A 39 11.26 14.41 12.92
N SER A 40 10.63 13.85 11.89
CA SER A 40 9.69 14.60 11.06
C SER A 40 8.43 14.95 11.86
N GLY A 41 8.23 14.22 12.95
CA GLY A 41 7.07 14.41 13.82
C GLY A 41 5.87 13.68 13.30
N GLN A 42 6.04 12.98 12.17
CA GLN A 42 4.95 12.25 11.56
C GLN A 42 5.39 10.87 11.05
N LEU A 43 5.13 9.83 11.85
CA LEU A 43 5.36 8.48 11.39
C LEU A 43 4.09 7.98 10.72
N ASP A 44 4.19 7.59 9.46
CA ASP A 44 3.03 7.16 8.70
C ASP A 44 2.89 5.65 8.71
N ALA A 45 1.96 5.14 7.89
CA ALA A 45 1.65 3.72 7.85
C ALA A 45 2.86 2.89 7.41
N ALA A 46 3.60 3.40 6.42
CA ALA A 46 4.74 2.68 5.86
C ALA A 46 5.83 2.44 6.89
N GLY A 47 6.15 3.48 7.66
CA GLY A 47 7.17 3.38 8.69
C GLY A 47 6.74 2.44 9.79
N PHE A 48 5.46 2.53 10.14
CA PHE A 48 4.86 1.69 11.17
C PHE A 48 4.83 0.24 10.70
N GLN A 49 4.65 0.06 9.39
CA GLN A 49 4.59 -1.26 8.79
C GLN A 49 5.91 -2.02 8.80
N LYS A 50 7.02 -1.31 8.61
CA LYS A 50 8.32 -1.96 8.48
C LYS A 50 8.92 -2.34 9.83
N ILE A 51 8.62 -1.57 10.87
CA ILE A 51 9.14 -1.87 12.19
C ILE A 51 8.43 -3.09 12.76
N TYR A 52 7.21 -3.32 12.28
CA TYR A 52 6.47 -4.53 12.65
C TYR A 52 7.07 -5.72 11.92
N LYS A 53 7.64 -5.49 10.75
CA LYS A 53 8.37 -6.52 10.03
C LYS A 53 9.55 -6.94 10.90
N GLN A 54 10.11 -5.97 11.62
CA GLN A 54 11.24 -6.21 12.51
C GLN A 54 10.74 -6.95 13.75
N PHE A 55 9.54 -6.62 14.20
CA PHE A 55 9.06 -7.15 15.47
C PHE A 55 8.56 -8.58 15.30
N PHE A 56 8.25 -8.94 14.06
CA PHE A 56 7.84 -10.30 13.77
C PHE A 56 8.48 -10.84 12.49
N PRO A 57 9.76 -11.21 12.55
CA PRO A 57 10.43 -11.64 11.32
C PRO A 57 10.23 -13.13 11.07
N PHE A 58 9.13 -13.68 11.55
CA PHE A 58 8.82 -15.09 11.38
C PHE A 58 7.47 -15.27 10.69
N GLY A 59 6.92 -14.18 10.16
CA GLY A 59 5.66 -14.22 9.47
C GLY A 59 5.31 -12.89 8.83
N ASP A 60 4.02 -12.60 8.70
CA ASP A 60 3.58 -11.36 8.05
C ASP A 60 2.72 -10.51 8.96
N PRO A 61 3.35 -9.54 9.65
CA PRO A 61 2.70 -8.64 10.60
C PRO A 61 1.93 -7.52 9.91
N THR A 62 1.80 -7.59 8.58
CA THR A 62 1.15 -6.55 7.80
C THR A 62 -0.26 -6.24 8.27
N LYS A 63 -1.08 -7.29 8.44
CA LYS A 63 -2.47 -7.11 8.85
C LYS A 63 -2.59 -6.47 10.22
N PHE A 64 -1.86 -7.01 11.20
CA PHE A 64 -1.96 -6.52 12.57
C PHE A 64 -1.36 -5.12 12.72
N ALA A 65 -0.33 -4.83 11.94
CA ALA A 65 0.31 -3.52 11.96
C ALA A 65 -0.67 -2.44 11.50
N THR A 66 -1.51 -2.78 10.53
CA THR A 66 -2.50 -1.85 10.00
C THR A 66 -3.57 -1.56 11.03
N PHE A 67 -4.09 -2.62 11.66
CA PHE A 67 -5.12 -2.49 12.67
C PHE A 67 -4.67 -1.66 13.86
N VAL A 68 -3.46 -1.93 14.34
CA VAL A 68 -2.91 -1.20 15.48
C VAL A 68 -2.68 0.26 15.14
N PHE A 69 -2.18 0.52 13.93
CA PHE A 69 -1.91 1.86 13.46
C PHE A 69 -3.18 2.71 13.44
N ASN A 70 -4.30 2.09 13.10
CA ASN A 70 -5.57 2.79 12.98
C ASN A 70 -6.09 3.27 14.34
N VAL A 71 -5.70 2.56 15.39
CA VAL A 71 -6.10 2.95 16.76
C VAL A 71 -5.23 4.09 17.27
N PHE A 72 -3.94 4.06 16.93
CA PHE A 72 -3.03 5.14 17.26
C PHE A 72 -3.50 6.43 16.59
N ASP A 73 -3.66 6.36 15.28
CA ASP A 73 -4.12 7.50 14.49
C ASP A 73 -5.61 7.72 14.71
N GLU A 74 -5.94 8.52 15.72
CA GLU A 74 -7.32 8.70 16.14
C GLU A 74 -8.14 9.54 15.17
N ASN A 75 -7.56 10.63 14.66
CA ASN A 75 -8.27 11.49 13.73
C ASN A 75 -8.26 10.93 12.30
N LYS A 76 -7.61 9.79 12.12
CA LYS A 76 -7.62 9.05 10.86
C LYS A 76 -7.10 9.84 9.66
N ASP A 77 -5.93 10.47 9.80
CA ASP A 77 -5.36 11.19 8.69
C ASP A 77 -4.21 10.42 8.04
N GLY A 78 -3.89 9.26 8.60
CA GLY A 78 -2.85 8.43 8.03
C GLY A 78 -1.50 8.74 8.64
N ARG A 79 -1.51 9.54 9.70
CA ARG A 79 -0.27 9.95 10.36
C ARG A 79 -0.43 9.92 11.88
N ILE A 80 0.66 9.67 12.58
CA ILE A 80 0.65 9.70 14.05
C ILE A 80 1.33 10.94 14.62
N GLU A 81 0.54 11.95 14.98
CA GLU A 81 1.09 13.11 15.65
C GLU A 81 1.46 12.75 17.09
N PHE A 82 2.12 13.67 17.78
CA PHE A 82 2.55 13.42 19.15
C PHE A 82 1.34 13.27 20.07
N SER A 83 0.28 14.03 19.78
CA SER A 83 -0.92 14.00 20.60
C SER A 83 -1.57 12.62 20.63
N GLU A 84 -1.59 11.96 19.49
CA GLU A 84 -2.19 10.63 19.38
C GLU A 84 -1.27 9.58 19.98
N PHE A 85 0.03 9.81 19.83
CA PHE A 85 1.05 8.89 20.33
C PHE A 85 1.12 8.92 21.86
N ILE A 86 1.07 10.12 22.43
CA ILE A 86 1.21 10.27 23.87
C ILE A 86 -0.05 9.81 24.62
N GLN A 87 -1.20 9.87 23.94
CA GLN A 87 -2.46 9.44 24.56
C GLN A 87 -2.59 7.92 24.51
N ALA A 88 -2.05 7.33 23.45
CA ALA A 88 -2.08 5.87 23.29
C ALA A 88 -1.20 5.17 24.33
N LEU A 89 -0.03 5.73 24.58
CA LEU A 89 0.88 5.15 25.56
C LEU A 89 0.31 5.23 26.96
N SER A 90 -0.41 6.31 27.24
CA SER A 90 -1.00 6.52 28.56
C SER A 90 -2.01 5.45 28.91
N VAL A 91 -2.99 5.28 28.02
CA VAL A 91 -4.09 4.36 28.26
C VAL A 91 -3.59 2.92 28.34
N THR A 92 -2.67 2.57 27.46
CA THR A 92 -2.17 1.21 27.35
C THR A 92 -1.18 0.81 28.45
N SER A 93 -0.47 1.78 29.01
CA SER A 93 0.58 1.48 29.98
C SER A 93 0.23 1.82 31.42
N ARG A 94 -0.67 2.80 31.61
CA ARG A 94 -1.01 3.25 32.95
C ARG A 94 -2.52 3.29 33.20
N GLY A 95 -3.30 3.22 32.13
CA GLY A 95 -4.74 3.31 32.24
C GLY A 95 -5.39 2.21 33.07
N THR A 96 -6.63 2.44 33.48
CA THR A 96 -7.37 1.45 34.24
C THR A 96 -7.76 0.29 33.34
N LEU A 97 -8.33 -0.76 33.92
CA LEU A 97 -8.71 -1.93 33.13
C LEU A 97 -9.79 -1.63 32.11
N ASP A 98 -10.78 -0.82 32.48
CA ASP A 98 -11.83 -0.43 31.53
C ASP A 98 -11.25 0.38 30.38
N GLU A 99 -10.36 1.30 30.71
CA GLU A 99 -9.75 2.15 29.71
C GLU A 99 -8.86 1.33 28.77
N LYS A 100 -8.17 0.33 29.32
CA LYS A 100 -7.35 -0.55 28.51
C LYS A 100 -8.21 -1.41 27.59
N LEU A 101 -9.35 -1.86 28.11
CA LEU A 101 -10.29 -2.66 27.34
C LEU A 101 -11.03 -1.82 26.30
N ARG A 102 -11.28 -0.56 26.62
CA ARG A 102 -11.92 0.35 25.69
C ARG A 102 -11.01 0.71 24.53
N TRP A 103 -9.72 0.85 24.81
CA TRP A 103 -8.75 1.18 23.77
C TRP A 103 -8.57 -0.02 22.84
N ALA A 104 -8.64 -1.21 23.42
CA ALA A 104 -8.55 -2.45 22.65
C ALA A 104 -9.78 -2.64 21.78
N PHE A 105 -10.92 -2.15 22.25
CA PHE A 105 -12.17 -2.26 21.52
C PHE A 105 -12.08 -1.60 20.15
N LYS A 106 -11.39 -0.46 20.09
CA LYS A 106 -11.20 0.26 18.83
C LYS A 106 -10.42 -0.58 17.82
N LEU A 107 -9.52 -1.42 18.33
CA LEU A 107 -8.70 -2.29 17.49
C LEU A 107 -9.54 -3.34 16.78
N TYR A 108 -10.44 -3.97 17.53
CA TYR A 108 -11.32 -4.99 16.97
C TYR A 108 -12.36 -4.35 16.07
N ASP A 109 -12.92 -3.23 16.54
CA ASP A 109 -13.95 -2.51 15.81
C ASP A 109 -13.33 -1.81 14.60
N LEU A 110 -13.22 -2.55 13.51
CA LEU A 110 -12.55 -2.08 12.31
C LEU A 110 -13.31 -0.97 11.59
N ASP A 111 -14.62 -1.12 11.46
CA ASP A 111 -15.44 -0.16 10.73
C ASP A 111 -15.98 0.97 11.62
N ASN A 112 -15.63 0.91 12.90
CA ASN A 112 -15.98 1.97 13.86
C ASN A 112 -17.49 2.23 13.94
N ASP A 113 -18.27 1.18 14.19
CA ASP A 113 -19.72 1.33 14.29
C ASP A 113 -20.19 1.08 15.72
N GLY A 114 -19.24 0.83 16.62
CA GLY A 114 -19.55 0.61 18.02
C GLY A 114 -19.78 -0.85 18.35
N TYR A 115 -19.57 -1.73 17.38
CA TYR A 115 -19.76 -3.16 17.57
C TYR A 115 -18.55 -3.97 17.15
N ILE A 116 -18.36 -5.12 17.77
CA ILE A 116 -17.38 -6.10 17.29
C ILE A 116 -18.16 -7.29 16.74
N THR A 117 -18.08 -7.49 15.44
CA THR A 117 -18.78 -8.61 14.80
C THR A 117 -17.90 -9.84 14.75
N ARG A 118 -18.49 -10.96 14.32
CA ARG A 118 -17.79 -12.25 14.33
C ARG A 118 -16.59 -12.28 13.40
N ASN A 119 -16.73 -11.70 12.21
CA ASN A 119 -15.67 -11.72 11.23
C ASN A 119 -14.57 -10.73 11.54
N GLU A 120 -14.93 -9.64 12.23
CA GLU A 120 -13.97 -8.63 12.64
C GLU A 120 -12.98 -9.20 13.66
N MET A 121 -13.51 -9.89 14.66
CA MET A 121 -12.66 -10.52 15.67
C MET A 121 -11.83 -11.62 15.03
N LEU A 122 -12.41 -12.32 14.06
CA LEU A 122 -11.69 -13.34 13.30
C LEU A 122 -10.55 -12.67 12.55
N ASP A 123 -10.82 -11.47 12.03
CA ASP A 123 -9.81 -10.67 11.34
C ASP A 123 -8.66 -10.26 12.27
N ILE A 124 -8.98 -10.08 13.54
CA ILE A 124 -7.95 -9.74 14.52
C ILE A 124 -7.11 -10.97 14.88
N VAL A 125 -7.78 -12.07 15.23
CA VAL A 125 -7.09 -13.29 15.64
C VAL A 125 -6.18 -13.88 14.57
N ASP A 126 -6.65 -13.92 13.33
CA ASP A 126 -5.83 -14.47 12.25
C ASP A 126 -4.67 -13.54 11.95
N ALA A 127 -4.90 -12.23 12.13
CA ALA A 127 -3.83 -11.24 11.97
C ALA A 127 -2.73 -11.51 12.98
N ILE A 128 -3.13 -11.88 14.19
CA ILE A 128 -2.18 -12.28 15.21
C ILE A 128 -1.56 -13.62 14.83
N TYR A 129 -2.38 -14.49 14.23
CA TYR A 129 -1.92 -15.80 13.80
C TYR A 129 -0.90 -15.72 12.66
N GLN A 130 -1.13 -14.80 11.73
CA GLN A 130 -0.25 -14.63 10.57
C GLN A 130 1.13 -14.04 10.89
N MET A 131 1.24 -13.31 11.98
CA MET A 131 2.46 -12.60 12.29
C MET A 131 3.52 -13.52 12.91
N VAL A 132 3.07 -14.57 13.59
CA VAL A 132 3.98 -15.48 14.29
C VAL A 132 3.92 -16.91 13.73
N GLY A 133 2.86 -17.21 12.98
CA GLY A 133 2.57 -18.53 12.47
C GLY A 133 3.61 -19.50 11.91
N ASN A 134 4.82 -19.50 12.44
CA ASN A 134 5.85 -20.43 11.98
C ASN A 134 6.56 -21.14 13.12
N THR A 135 6.87 -20.39 14.17
CA THR A 135 7.45 -20.96 15.39
C THR A 135 6.40 -21.66 16.23
N THR A 144 -6.65 -23.25 15.19
CA THR A 144 -7.08 -22.42 14.07
C THR A 144 -7.87 -21.20 14.57
N PRO A 145 -7.80 -20.09 13.82
CA PRO A 145 -8.56 -18.87 14.14
C PRO A 145 -10.07 -19.05 14.15
N GLU A 146 -10.56 -19.98 13.34
CA GLU A 146 -12.00 -20.22 13.21
C GLU A 146 -12.61 -20.77 14.51
N LYS A 147 -12.01 -21.81 15.05
CA LYS A 147 -12.55 -22.47 16.23
C LYS A 147 -12.34 -21.61 17.47
N ARG A 148 -11.31 -20.76 17.43
CA ARG A 148 -10.99 -19.89 18.55
C ARG A 148 -11.99 -18.74 18.70
N VAL A 149 -12.33 -18.11 17.58
CA VAL A 149 -13.26 -16.97 17.60
C VAL A 149 -14.67 -17.42 18.02
N ASP A 150 -15.09 -18.60 17.56
CA ASP A 150 -16.40 -19.13 17.93
C ASP A 150 -16.49 -19.35 19.44
N ARG A 151 -15.36 -19.70 20.05
CA ARG A 151 -15.32 -19.98 21.48
C ARG A 151 -15.48 -18.75 22.37
N ILE A 152 -14.75 -17.69 22.06
CA ILE A 152 -14.79 -16.49 22.89
C ILE A 152 -16.00 -15.61 22.56
N PHE A 153 -16.44 -15.65 21.31
CA PHE A 153 -17.60 -14.85 20.90
C PHE A 153 -18.87 -15.40 21.53
N ALA A 154 -18.99 -16.72 21.60
CA ALA A 154 -20.14 -17.37 22.23
C ALA A 154 -20.15 -17.05 23.72
N MET A 155 -18.97 -16.83 24.28
CA MET A 155 -18.86 -16.54 25.71
C MET A 155 -19.25 -15.11 26.04
N MET A 156 -18.76 -14.16 25.26
CA MET A 156 -18.96 -12.75 25.55
C MET A 156 -20.34 -12.26 25.11
N ASP A 157 -20.82 -12.78 23.98
CA ASP A 157 -22.12 -12.37 23.46
C ASP A 157 -23.25 -12.96 24.31
N LYS A 158 -23.65 -12.21 25.34
CA LYS A 158 -24.65 -12.70 26.29
C LYS A 158 -26.05 -12.81 25.68
N ASN A 159 -26.42 -11.86 24.84
CA ASN A 159 -27.75 -11.82 24.27
C ASN A 159 -27.83 -12.52 22.92
N ALA A 160 -26.67 -12.98 22.44
CA ALA A 160 -26.57 -13.74 21.19
C ALA A 160 -27.16 -13.00 19.99
N ASP A 161 -26.73 -11.76 19.78
CA ASP A 161 -27.22 -10.98 18.64
C ASP A 161 -26.18 -10.91 17.53
N GLY A 162 -25.05 -11.57 17.74
CA GLY A 162 -23.99 -11.61 16.74
C GLY A 162 -23.07 -10.40 16.81
N LYS A 163 -23.32 -9.54 17.79
CA LYS A 163 -22.53 -8.33 17.95
C LYS A 163 -22.00 -8.22 19.38
N LEU A 164 -20.83 -7.62 19.53
CA LEU A 164 -20.28 -7.38 20.86
C LEU A 164 -20.23 -5.88 21.17
N THR A 165 -20.86 -5.50 22.27
CA THR A 165 -20.77 -4.12 22.74
C THR A 165 -19.51 -3.99 23.59
N LEU A 166 -19.17 -2.75 23.93
CA LEU A 166 -18.02 -2.50 24.79
C LEU A 166 -18.23 -3.15 26.16
N GLN A 167 -19.47 -3.13 26.62
CA GLN A 167 -19.82 -3.72 27.90
C GLN A 167 -19.65 -5.24 27.87
N GLU A 168 -20.11 -5.85 26.79
CA GLU A 168 -19.94 -7.30 26.61
C GLU A 168 -18.46 -7.66 26.51
N PHE A 169 -17.71 -6.80 25.84
CA PHE A 169 -16.27 -7.02 25.65
C PHE A 169 -15.51 -6.85 26.96
N GLN A 170 -15.85 -5.81 27.71
CA GLN A 170 -15.17 -5.52 28.96
C GLN A 170 -15.42 -6.62 30.00
N GLU A 171 -16.68 -6.97 30.19
CA GLU A 171 -17.04 -7.99 31.18
C GLU A 171 -16.54 -9.37 30.76
N GLY A 172 -16.63 -9.65 29.47
CA GLY A 172 -16.17 -10.92 28.92
C GLY A 172 -14.70 -11.17 29.08
N SER A 173 -13.91 -10.09 29.10
CA SER A 173 -12.47 -10.19 29.23
C SER A 173 -12.04 -10.37 30.69
N LYS A 174 -12.77 -9.71 31.59
CA LYS A 174 -12.45 -9.76 33.02
C LYS A 174 -12.73 -11.13 33.61
N LEU B 8 1.51 33.33 0.05
CA LEU B 8 1.41 32.36 1.14
C LEU B 8 2.77 31.70 1.39
N LYS B 9 3.67 31.81 0.43
CA LYS B 9 5.01 31.26 0.55
C LYS B 9 6.00 32.39 0.83
N PRO B 10 7.23 32.06 1.24
CA PRO B 10 8.19 33.12 1.52
C PRO B 10 9.27 33.27 0.44
N GLU B 11 10.52 33.01 0.82
CA GLU B 11 11.63 33.13 -0.13
C GLU B 11 12.03 31.75 -0.68
N VAL B 12 11.15 30.78 -0.56
CA VAL B 12 11.29 29.49 -1.22
C VAL B 12 11.03 29.67 -2.71
N VAL B 13 10.13 30.61 -2.99
CA VAL B 13 9.70 31.00 -4.31
C VAL B 13 10.84 31.44 -5.22
N GLU B 14 11.79 32.18 -4.66
CA GLU B 14 12.94 32.64 -5.40
C GLU B 14 13.71 31.43 -5.94
N GLU B 15 13.72 30.36 -5.15
CA GLU B 15 14.38 29.13 -5.55
C GLU B 15 13.59 28.43 -6.66
N LEU B 16 12.27 28.32 -6.49
CA LEU B 16 11.44 27.67 -7.49
C LEU B 16 11.16 28.58 -8.69
N THR B 17 11.98 29.60 -8.86
CA THR B 17 11.88 30.49 -10.01
C THR B 17 13.05 30.22 -10.93
N ARG B 18 14.21 29.98 -10.32
CA ARG B 18 15.42 29.65 -11.05
C ARG B 18 15.47 28.18 -11.49
N LYS B 19 14.61 27.36 -10.90
CA LYS B 19 14.60 25.94 -11.22
C LYS B 19 13.48 25.56 -12.19
N THR B 20 12.65 26.55 -12.54
CA THR B 20 11.50 26.29 -13.40
C THR B 20 11.34 27.36 -14.48
N TYR B 21 10.42 27.11 -15.41
CA TYR B 21 10.13 28.05 -16.47
C TYR B 21 8.96 28.93 -16.02
N PHE B 22 8.75 28.99 -14.72
CA PHE B 22 7.68 29.80 -14.16
C PHE B 22 8.16 31.14 -13.62
N THR B 23 7.29 32.15 -13.72
CA THR B 23 7.57 33.46 -13.16
C THR B 23 7.25 33.48 -11.67
N GLU B 24 7.64 34.55 -10.99
CA GLU B 24 7.44 34.63 -9.54
C GLU B 24 5.98 34.93 -9.20
N LYS B 25 5.15 35.13 -10.22
CA LYS B 25 3.72 35.28 -10.03
C LYS B 25 3.02 33.95 -10.30
N GLU B 26 3.58 33.16 -11.20
CA GLU B 26 3.00 31.88 -11.58
C GLU B 26 3.28 30.85 -10.51
N VAL B 27 4.44 30.96 -9.88
CA VAL B 27 4.79 30.06 -8.80
C VAL B 27 3.83 30.30 -7.63
N GLN B 28 3.46 31.56 -7.43
CA GLN B 28 2.52 31.93 -6.35
C GLN B 28 1.15 31.34 -6.62
N GLN B 29 0.70 31.49 -7.86
CA GLN B 29 -0.61 31.01 -8.26
C GLN B 29 -0.67 29.48 -8.18
N TRP B 30 0.44 28.85 -8.55
CA TRP B 30 0.52 27.39 -8.52
C TRP B 30 0.55 26.88 -7.09
N TYR B 31 1.06 27.69 -6.17
CA TYR B 31 1.06 27.33 -4.76
C TYR B 31 -0.34 27.48 -4.17
N LYS B 32 -1.05 28.53 -4.60
CA LYS B 32 -2.42 28.75 -4.18
C LYS B 32 -3.31 27.58 -4.60
N GLY B 33 -3.03 27.04 -5.79
CA GLY B 33 -3.78 25.91 -6.30
C GLY B 33 -3.35 24.61 -5.68
N PHE B 34 -2.09 24.54 -5.26
CA PHE B 34 -1.55 23.33 -4.65
C PHE B 34 -2.18 23.07 -3.28
N ILE B 35 -2.14 24.08 -2.41
CA ILE B 35 -2.69 23.96 -1.07
C ILE B 35 -4.22 23.94 -1.13
N LYS B 36 -4.75 24.32 -2.28
CA LYS B 36 -6.18 24.21 -2.56
C LYS B 36 -6.58 22.74 -2.45
N ASP B 37 -6.44 22.02 -3.56
CA ASP B 37 -6.52 20.56 -3.61
C ASP B 37 -6.11 19.88 -2.31
N CYS B 38 -4.81 19.69 -2.12
CA CYS B 38 -4.27 19.06 -0.92
C CYS B 38 -3.78 20.09 0.09
N PRO B 39 -4.59 20.34 1.14
CA PRO B 39 -4.28 21.36 2.16
C PRO B 39 -3.06 21.02 3.01
N SER B 40 -2.75 19.73 3.12
CA SER B 40 -1.63 19.29 3.95
C SER B 40 -0.28 19.70 3.35
N GLY B 41 -0.27 20.00 2.06
CA GLY B 41 0.96 20.38 1.38
C GLY B 41 1.77 19.18 0.97
N GLN B 42 1.22 17.99 1.24
CA GLN B 42 1.91 16.74 0.95
C GLN B 42 0.95 15.72 0.33
N LEU B 43 1.05 15.53 -0.98
CA LEU B 43 0.28 14.49 -1.64
C LEU B 43 1.04 13.18 -1.56
N ASP B 44 0.44 12.19 -0.91
CA ASP B 44 1.10 10.90 -0.72
C ASP B 44 0.64 9.86 -1.74
N ALA B 45 1.07 8.63 -1.54
CA ALA B 45 0.79 7.55 -2.47
C ALA B 45 -0.71 7.22 -2.55
N ALA B 46 -1.38 7.21 -1.40
CA ALA B 46 -2.79 6.85 -1.34
C ALA B 46 -3.67 7.85 -2.10
N GLY B 47 -3.43 9.13 -1.90
CA GLY B 47 -4.20 10.16 -2.57
C GLY B 47 -3.98 10.17 -4.07
N PHE B 48 -2.72 9.97 -4.47
CA PHE B 48 -2.35 9.94 -5.88
C PHE B 48 -2.95 8.70 -6.56
N GLN B 49 -3.03 7.61 -5.79
CA GLN B 49 -3.58 6.35 -6.30
C GLN B 49 -5.07 6.45 -6.58
N LYS B 50 -5.78 7.21 -5.75
CA LYS B 50 -7.23 7.28 -5.84
C LYS B 50 -7.73 8.19 -6.96
N ILE B 51 -6.99 9.25 -7.26
CA ILE B 51 -7.39 10.15 -8.34
C ILE B 51 -7.16 9.50 -9.71
N TYR B 52 -6.20 8.57 -9.77
CA TYR B 52 -5.94 7.81 -10.98
C TYR B 52 -7.04 6.78 -11.21
N LYS B 53 -7.65 6.31 -10.13
CA LYS B 53 -8.79 5.42 -10.23
C LYS B 53 -9.91 6.17 -10.93
N GLN B 54 -9.97 7.48 -10.68
CA GLN B 54 -10.94 8.37 -11.31
C GLN B 54 -10.58 8.62 -12.76
N PHE B 55 -9.29 8.73 -13.06
CA PHE B 55 -8.88 9.13 -14.40
C PHE B 55 -8.95 7.95 -15.36
N PHE B 56 -8.97 6.73 -14.80
CA PHE B 56 -9.12 5.55 -15.62
C PHE B 56 -10.10 4.53 -15.02
N PRO B 57 -11.41 4.80 -15.11
CA PRO B 57 -12.35 3.89 -14.46
C PRO B 57 -12.76 2.73 -15.36
N PHE B 58 -11.88 2.33 -16.27
CA PHE B 58 -12.16 1.23 -17.19
C PHE B 58 -11.12 0.13 -17.10
N GLY B 59 -10.28 0.19 -16.06
CA GLY B 59 -9.26 -0.81 -15.83
C GLY B 59 -8.54 -0.59 -14.52
N ASP B 60 -7.27 -0.98 -14.45
CA ASP B 60 -6.52 -0.86 -13.20
C ASP B 60 -5.29 0.00 -13.39
N PRO B 61 -5.41 1.30 -13.10
CA PRO B 61 -4.33 2.29 -13.24
C PRO B 61 -3.32 2.22 -12.10
N THR B 62 -3.45 1.22 -11.24
CA THR B 62 -2.59 1.07 -10.05
C THR B 62 -1.10 1.07 -10.39
N LYS B 63 -0.70 0.24 -11.35
CA LYS B 63 0.71 0.12 -11.70
C LYS B 63 1.29 1.43 -12.24
N PHE B 64 0.61 2.03 -13.21
CA PHE B 64 1.13 3.23 -13.84
C PHE B 64 1.09 4.42 -12.89
N ALA B 65 0.10 4.46 -12.01
CA ALA B 65 0.00 5.53 -11.01
C ALA B 65 1.19 5.50 -10.08
N THR B 66 1.65 4.29 -9.74
CA THR B 66 2.79 4.12 -8.85
C THR B 66 4.07 4.58 -9.53
N PHE B 67 4.25 4.18 -10.78
CA PHE B 67 5.44 4.54 -11.54
C PHE B 67 5.55 6.06 -11.70
N VAL B 68 4.43 6.70 -12.03
CA VAL B 68 4.39 8.14 -12.20
C VAL B 68 4.65 8.86 -10.88
N PHE B 69 4.07 8.35 -9.81
CA PHE B 69 4.22 8.95 -8.48
C PHE B 69 5.68 9.01 -8.03
N ASN B 70 6.44 7.98 -8.37
CA ASN B 70 7.84 7.90 -7.97
C ASN B 70 8.71 8.92 -8.72
N VAL B 71 8.25 9.33 -9.91
CA VAL B 71 8.96 10.33 -10.69
C VAL B 71 8.68 11.73 -10.13
N PHE B 72 7.45 11.95 -9.69
CA PHE B 72 7.09 13.20 -9.02
C PHE B 72 7.93 13.33 -7.76
N ASP B 73 7.85 12.31 -6.91
CA ASP B 73 8.59 12.27 -5.65
C ASP B 73 10.07 11.99 -5.92
N GLU B 74 10.84 13.05 -6.14
CA GLU B 74 12.23 12.92 -6.56
C GLU B 74 13.15 12.45 -5.44
N ASN B 75 12.96 12.98 -4.23
CA ASN B 75 13.81 12.59 -3.11
C ASN B 75 13.36 11.26 -2.49
N LYS B 76 12.30 10.69 -3.05
CA LYS B 76 11.81 9.36 -2.68
C LYS B 76 11.49 9.22 -1.20
N ASP B 77 10.73 10.18 -0.67
CA ASP B 77 10.32 10.12 0.73
C ASP B 77 8.87 9.68 0.89
N GLY B 78 8.19 9.43 -0.24
CA GLY B 78 6.83 8.95 -0.19
C GLY B 78 5.81 10.07 -0.25
N ARG B 79 6.26 11.29 -0.53
CA ARG B 79 5.38 12.44 -0.59
C ARG B 79 5.71 13.34 -1.76
N ILE B 80 4.70 14.05 -2.27
CA ILE B 80 4.92 15.06 -3.30
C ILE B 80 4.83 16.45 -2.69
N GLU B 81 5.97 17.05 -2.35
CA GLU B 81 5.98 18.43 -1.87
C GLU B 81 5.70 19.36 -3.04
N PHE B 82 5.49 20.64 -2.73
CA PHE B 82 5.21 21.61 -3.78
C PHE B 82 6.41 21.78 -4.70
N SER B 83 7.60 21.65 -4.12
CA SER B 83 8.84 21.79 -4.89
C SER B 83 8.94 20.74 -6.00
N GLU B 84 8.54 19.51 -5.69
CA GLU B 84 8.58 18.44 -6.68
C GLU B 84 7.43 18.58 -7.67
N PHE B 85 6.31 19.10 -7.18
CA PHE B 85 5.12 19.28 -7.99
C PHE B 85 5.32 20.39 -9.02
N ILE B 86 5.91 21.50 -8.58
CA ILE B 86 6.10 22.66 -9.46
C ILE B 86 7.19 22.40 -10.48
N GLN B 87 8.13 21.52 -10.14
CA GLN B 87 9.24 21.17 -11.03
C GLN B 87 8.80 20.13 -12.05
N ALA B 88 7.89 19.26 -11.66
CA ALA B 88 7.37 18.25 -12.57
C ALA B 88 6.53 18.89 -13.67
N LEU B 89 5.71 19.87 -13.30
CA LEU B 89 4.89 20.58 -14.27
C LEU B 89 5.73 21.44 -15.21
N SER B 90 6.82 21.98 -14.70
CA SER B 90 7.69 22.84 -15.49
C SER B 90 8.27 22.08 -16.67
N VAL B 91 8.90 20.94 -16.39
CA VAL B 91 9.56 20.15 -17.41
C VAL B 91 8.57 19.61 -18.43
N THR B 92 7.42 19.14 -17.95
CA THR B 92 6.43 18.50 -18.79
C THR B 92 5.59 19.46 -19.65
N SER B 93 5.46 20.72 -19.20
CA SER B 93 4.58 21.65 -19.90
C SER B 93 5.33 22.73 -20.68
N ARG B 94 6.54 23.07 -20.24
CA ARG B 94 7.29 24.14 -20.89
C ARG B 94 8.71 23.73 -21.25
N GLY B 95 9.18 22.63 -20.67
CA GLY B 95 10.55 22.18 -20.90
C GLY B 95 10.80 21.82 -22.36
N THR B 96 12.08 21.76 -22.73
CA THR B 96 12.47 21.39 -24.09
C THR B 96 12.25 19.91 -24.36
N LEU B 97 12.46 19.50 -25.61
CA LEU B 97 12.28 18.11 -26.00
C LEU B 97 13.26 17.21 -25.26
N ASP B 98 14.50 17.69 -25.11
CA ASP B 98 15.54 16.97 -24.40
C ASP B 98 15.15 16.77 -22.94
N GLU B 99 14.67 17.83 -22.30
CA GLU B 99 14.27 17.79 -20.91
C GLU B 99 13.06 16.89 -20.67
N LYS B 100 12.12 16.90 -21.61
CA LYS B 100 10.91 16.08 -21.50
C LYS B 100 11.24 14.60 -21.60
N LEU B 101 12.15 14.25 -22.49
CA LEU B 101 12.57 12.86 -22.67
C LEU B 101 13.40 12.37 -21.50
N ARG B 102 14.18 13.28 -20.91
CA ARG B 102 14.99 12.95 -19.75
C ARG B 102 14.10 12.70 -18.53
N TRP B 103 13.02 13.46 -18.44
CA TRP B 103 12.05 13.31 -17.36
C TRP B 103 11.30 12.00 -17.56
N ALA B 104 11.05 11.66 -18.82
CA ALA B 104 10.37 10.42 -19.17
C ALA B 104 11.26 9.21 -18.89
N PHE B 105 12.56 9.41 -19.03
CA PHE B 105 13.54 8.34 -18.79
C PHE B 105 13.43 7.84 -17.36
N LYS B 106 13.21 8.76 -16.42
CA LYS B 106 13.07 8.43 -15.01
C LYS B 106 11.86 7.54 -14.76
N LEU B 107 10.82 7.71 -15.56
CA LEU B 107 9.60 6.92 -15.44
C LEU B 107 9.85 5.45 -15.77
N TYR B 108 10.57 5.20 -16.86
CA TYR B 108 10.88 3.85 -17.29
C TYR B 108 11.90 3.22 -16.36
N ASP B 109 12.90 4.01 -15.97
CA ASP B 109 13.97 3.54 -15.09
C ASP B 109 13.46 3.35 -13.66
N LEU B 110 12.90 2.17 -13.41
CA LEU B 110 12.27 1.88 -12.13
C LEU B 110 13.27 1.73 -10.98
N ASP B 111 14.37 1.04 -11.23
CA ASP B 111 15.35 0.75 -10.19
C ASP B 111 16.41 1.84 -10.08
N ASN B 112 16.28 2.86 -10.92
CA ASN B 112 17.16 4.04 -10.88
C ASN B 112 18.64 3.72 -10.99
N ASP B 113 19.03 3.01 -12.04
CA ASP B 113 20.43 2.68 -12.26
C ASP B 113 20.98 3.41 -13.49
N GLY B 114 20.12 4.22 -14.11
CA GLY B 114 20.52 4.97 -15.28
C GLY B 114 20.29 4.22 -16.58
N TYR B 115 19.65 3.05 -16.47
CA TYR B 115 19.39 2.22 -17.63
C TYR B 115 17.92 1.82 -17.76
N ILE B 116 17.48 1.58 -18.98
CA ILE B 116 16.18 0.97 -19.22
C ILE B 116 16.36 -0.44 -19.77
N THR B 117 15.99 -1.44 -18.99
CA THR B 117 16.10 -2.83 -19.41
C THR B 117 14.79 -3.31 -20.05
N ARG B 118 14.81 -4.54 -20.58
CA ARG B 118 13.67 -5.07 -21.33
C ARG B 118 12.38 -5.23 -20.52
N ASN B 119 12.49 -5.72 -19.29
CA ASN B 119 11.30 -5.95 -18.48
C ASN B 119 10.73 -4.67 -17.87
N GLU B 120 11.60 -3.68 -17.65
CA GLU B 120 11.16 -2.40 -17.12
C GLU B 120 10.23 -1.67 -18.09
N MET B 121 10.62 -1.63 -19.36
CA MET B 121 9.76 -1.02 -20.37
C MET B 121 8.49 -1.83 -20.50
N LEU B 122 8.62 -3.15 -20.35
CA LEU B 122 7.45 -4.04 -20.34
C LEU B 122 6.56 -3.71 -19.16
N ASP B 123 7.17 -3.41 -18.03
CA ASP B 123 6.43 -3.00 -16.83
C ASP B 123 5.68 -1.71 -17.08
N ILE B 124 6.26 -0.83 -17.89
CA ILE B 124 5.61 0.42 -18.25
C ILE B 124 4.49 0.22 -19.27
N VAL B 125 4.80 -0.47 -20.36
CA VAL B 125 3.83 -0.69 -21.44
C VAL B 125 2.59 -1.47 -21.01
N ASP B 126 2.77 -2.54 -20.25
CA ASP B 126 1.64 -3.34 -19.79
C ASP B 126 0.82 -2.55 -18.76
N ALA B 127 1.51 -1.70 -18.00
CA ALA B 127 0.85 -0.83 -17.03
C ALA B 127 -0.09 0.15 -17.75
N ILE B 128 0.34 0.61 -18.92
CA ILE B 128 -0.50 1.47 -19.74
C ILE B 128 -1.68 0.66 -20.27
N TYR B 129 -1.42 -0.62 -20.57
CA TYR B 129 -2.48 -1.50 -21.05
C TYR B 129 -3.52 -1.76 -19.96
N GLN B 130 -3.07 -1.90 -18.72
CA GLN B 130 -3.94 -2.17 -17.59
C GLN B 130 -4.83 -0.99 -17.18
N MET B 131 -4.39 0.23 -17.47
CA MET B 131 -5.12 1.41 -17.04
C MET B 131 -6.31 1.73 -17.94
N VAL B 132 -6.22 1.32 -19.19
CA VAL B 132 -7.27 1.64 -20.15
C VAL B 132 -8.06 0.37 -20.41
N GLY B 133 -7.46 -0.75 -20.04
CA GLY B 133 -8.08 -2.06 -20.17
C GLY B 133 -8.67 -2.38 -21.53
N ASN B 134 -9.99 -2.50 -21.58
CA ASN B 134 -10.65 -2.88 -22.82
C ASN B 134 -11.82 -2.02 -23.28
N THR B 135 -11.62 -0.72 -23.36
CA THR B 135 -12.58 0.12 -24.06
C THR B 135 -12.31 -0.20 -25.51
N VAL B 136 -11.02 -0.36 -25.80
CA VAL B 136 -10.54 -0.74 -27.11
C VAL B 136 -10.29 -2.25 -27.16
N GLU B 137 -10.29 -2.82 -28.35
CA GLU B 137 -10.11 -4.26 -28.51
C GLU B 137 -8.69 -4.60 -28.98
N ASN B 143 -1.73 -7.13 -29.96
CA ASN B 143 -2.28 -8.14 -29.07
C ASN B 143 -1.63 -8.14 -27.70
N THR B 144 -0.31 -8.27 -27.66
CA THR B 144 0.40 -8.32 -26.39
C THR B 144 1.45 -7.23 -26.23
N PRO B 145 1.67 -6.79 -24.97
CA PRO B 145 2.73 -5.84 -24.59
C PRO B 145 4.10 -6.44 -24.86
N GLU B 146 4.16 -7.77 -24.81
CA GLU B 146 5.39 -8.53 -24.97
C GLU B 146 6.01 -8.36 -26.35
N LYS B 147 5.21 -8.54 -27.41
CA LYS B 147 5.76 -8.47 -28.75
C LYS B 147 6.05 -7.02 -29.14
N ARG B 148 5.31 -6.08 -28.57
CA ARG B 148 5.51 -4.66 -28.89
C ARG B 148 6.78 -4.11 -28.27
N VAL B 149 7.05 -4.46 -27.02
CA VAL B 149 8.26 -3.99 -26.35
C VAL B 149 9.50 -4.54 -27.04
N ASP B 150 9.43 -5.79 -27.51
CA ASP B 150 10.52 -6.41 -28.24
C ASP B 150 10.80 -5.64 -29.52
N ARG B 151 9.74 -5.09 -30.12
CA ARG B 151 9.84 -4.34 -31.36
C ARG B 151 10.49 -2.98 -31.13
N ILE B 152 10.08 -2.32 -30.05
CA ILE B 152 10.59 -0.98 -29.75
C ILE B 152 11.97 -1.01 -29.11
N PHE B 153 12.24 -2.05 -28.32
CA PHE B 153 13.53 -2.18 -27.65
C PHE B 153 14.64 -2.50 -28.65
N ALA B 154 14.32 -3.35 -29.62
CA ALA B 154 15.27 -3.72 -30.68
C ALA B 154 15.64 -2.52 -31.54
N MET B 155 14.72 -1.56 -31.63
CA MET B 155 14.93 -0.38 -32.45
C MET B 155 15.86 0.61 -31.77
N MET B 156 15.63 0.86 -30.48
CA MET B 156 16.38 1.88 -29.76
C MET B 156 17.75 1.39 -29.29
N ASP B 157 17.84 0.11 -28.94
CA ASP B 157 19.09 -0.48 -28.46
C ASP B 157 20.10 -0.63 -29.59
N LYS B 158 20.94 0.39 -29.74
CA LYS B 158 21.87 0.50 -30.84
C LYS B 158 22.99 -0.54 -30.79
N ASN B 159 23.52 -0.76 -29.59
CA ASN B 159 24.64 -1.67 -29.41
C ASN B 159 24.18 -3.07 -29.01
N ALA B 160 22.87 -3.23 -28.85
CA ALA B 160 22.26 -4.51 -28.52
C ALA B 160 22.84 -5.14 -27.25
N ASP B 161 22.88 -4.36 -26.17
CA ASP B 161 23.38 -4.88 -24.90
C ASP B 161 22.24 -5.17 -23.92
N GLY B 162 21.01 -4.96 -24.37
CA GLY B 162 19.84 -5.24 -23.55
C GLY B 162 19.49 -4.11 -22.60
N LYS B 163 20.22 -3.01 -22.69
CA LYS B 163 19.99 -1.85 -21.84
C LYS B 163 19.84 -0.59 -22.69
N LEU B 164 19.05 0.36 -22.21
CA LEU B 164 18.89 1.64 -22.90
C LEU B 164 19.48 2.78 -22.09
N THR B 165 20.38 3.54 -22.72
CA THR B 165 20.93 4.74 -22.10
C THR B 165 19.99 5.91 -22.37
N LEU B 166 20.26 7.05 -21.73
CA LEU B 166 19.47 8.25 -21.93
C LEU B 166 19.56 8.73 -23.38
N GLN B 167 20.74 8.59 -23.98
CA GLN B 167 20.95 8.99 -25.37
C GLN B 167 20.19 8.09 -26.34
N GLU B 168 20.23 6.79 -26.09
CA GLU B 168 19.51 5.82 -26.92
C GLU B 168 18.00 6.05 -26.86
N PHE B 169 17.52 6.41 -25.67
CA PHE B 169 16.10 6.66 -25.47
C PHE B 169 15.67 7.93 -26.19
N GLN B 170 16.50 8.96 -26.10
CA GLN B 170 16.20 10.25 -26.71
C GLN B 170 16.16 10.16 -28.24
N GLU B 171 17.21 9.57 -28.82
CA GLU B 171 17.30 9.48 -30.28
C GLU B 171 16.22 8.55 -30.83
N GLY B 172 15.94 7.48 -30.12
CA GLY B 172 14.91 6.53 -30.52
C GLY B 172 13.53 7.15 -30.57
N SER B 173 13.29 8.14 -29.72
CA SER B 173 12.00 8.81 -29.65
C SER B 173 11.85 9.92 -30.69
N LYS B 174 12.94 10.64 -30.97
CA LYS B 174 12.90 11.77 -31.90
C LYS B 174 12.72 11.33 -33.36
N ALA B 175 13.40 10.26 -33.75
CA ALA B 175 13.35 9.78 -35.12
C ALA B 175 11.95 9.26 -35.48
N LEU C 8 -18.05 10.38 9.57
CA LEU C 8 -19.14 10.85 8.73
C LEU C 8 -19.81 9.69 7.99
N LYS C 9 -20.83 10.03 7.21
CA LYS C 9 -21.60 9.08 6.40
C LYS C 9 -22.34 8.04 7.25
N PRO C 10 -23.67 8.16 7.29
CA PRO C 10 -24.53 7.24 8.06
C PRO C 10 -24.57 5.82 7.46
N GLU C 11 -25.76 5.23 7.48
CA GLU C 11 -25.96 3.87 6.97
C GLU C 11 -26.48 3.88 5.54
N VAL C 12 -26.08 4.90 4.81
CA VAL C 12 -26.24 4.93 3.36
C VAL C 12 -25.32 3.83 2.85
N VAL C 13 -24.29 3.56 3.64
CA VAL C 13 -23.32 2.50 3.39
C VAL C 13 -24.02 1.16 3.16
N GLU C 14 -25.07 0.90 3.92
CA GLU C 14 -25.85 -0.33 3.77
C GLU C 14 -26.42 -0.43 2.36
N GLU C 15 -26.80 0.72 1.81
CA GLU C 15 -27.34 0.79 0.45
C GLU C 15 -26.24 0.61 -0.59
N LEU C 16 -25.11 1.30 -0.41
CA LEU C 16 -23.99 1.19 -1.35
C LEU C 16 -23.20 -0.09 -1.19
N THR C 17 -23.78 -1.06 -0.50
CA THR C 17 -23.18 -2.37 -0.34
C THR C 17 -23.97 -3.39 -1.13
N ARG C 18 -25.27 -3.17 -1.20
CA ARG C 18 -26.17 -4.05 -1.94
C ARG C 18 -26.19 -3.80 -3.45
N LYS C 19 -25.75 -2.61 -3.88
CA LYS C 19 -25.70 -2.27 -5.30
C LYS C 19 -24.31 -2.40 -5.89
N THR C 20 -23.36 -2.77 -5.06
CA THR C 20 -21.97 -2.89 -5.49
C THR C 20 -21.42 -4.22 -5.03
N TYR C 21 -20.17 -4.47 -5.36
CA TYR C 21 -19.52 -5.73 -4.98
C TYR C 21 -18.58 -5.46 -3.82
N PHE C 22 -18.84 -4.36 -3.12
CA PHE C 22 -18.07 -3.98 -1.94
C PHE C 22 -18.76 -4.35 -0.64
N THR C 23 -17.96 -4.65 0.38
CA THR C 23 -18.47 -4.91 1.72
C THR C 23 -18.70 -3.60 2.46
N GLU C 24 -19.31 -3.66 3.63
CA GLU C 24 -19.65 -2.43 4.36
C GLU C 24 -18.43 -1.78 5.01
N LYS C 25 -17.28 -2.43 4.90
CA LYS C 25 -16.04 -1.84 5.38
C LYS C 25 -15.27 -1.19 4.23
N GLU C 26 -15.44 -1.76 3.04
CA GLU C 26 -14.72 -1.28 1.87
C GLU C 26 -15.35 0.00 1.35
N VAL C 27 -16.66 0.12 1.53
CA VAL C 27 -17.39 1.33 1.14
C VAL C 27 -17.00 2.49 2.05
N GLN C 28 -16.82 2.19 3.33
CA GLN C 28 -16.43 3.21 4.30
C GLN C 28 -15.02 3.74 4.06
N GLN C 29 -14.08 2.85 3.74
CA GLN C 29 -12.71 3.24 3.49
C GLN C 29 -12.62 4.11 2.25
N TRP C 30 -13.44 3.77 1.25
CA TRP C 30 -13.46 4.54 0.01
C TRP C 30 -14.09 5.90 0.22
N TYR C 31 -14.94 6.02 1.24
CA TYR C 31 -15.48 7.32 1.58
C TYR C 31 -14.38 8.12 2.26
N LYS C 32 -13.58 7.43 3.07
CA LYS C 32 -12.42 8.04 3.70
C LYS C 32 -11.40 8.53 2.68
N GLY C 33 -11.21 7.74 1.63
CA GLY C 33 -10.26 8.07 0.59
C GLY C 33 -10.77 9.10 -0.39
N PHE C 34 -12.09 9.13 -0.58
CA PHE C 34 -12.69 10.05 -1.54
C PHE C 34 -12.54 11.49 -1.06
N ILE C 35 -13.01 11.76 0.16
CA ILE C 35 -12.91 13.09 0.74
C ILE C 35 -11.47 13.36 1.20
N LEU C 43 -16.33 18.01 -6.42
CA LEU C 43 -15.42 18.24 -7.54
C LEU C 43 -16.18 18.30 -8.85
N ASP C 44 -16.08 19.43 -9.55
CA ASP C 44 -16.81 19.63 -10.80
C ASP C 44 -15.98 19.31 -12.04
N ALA C 45 -16.54 19.60 -13.20
CA ALA C 45 -15.90 19.29 -14.47
C ALA C 45 -14.59 20.04 -14.66
N ALA C 46 -14.59 21.31 -14.29
CA ALA C 46 -13.41 22.15 -14.44
C ALA C 46 -12.27 21.65 -13.56
N GLY C 47 -12.61 21.30 -12.32
CA GLY C 47 -11.62 20.80 -11.38
C GLY C 47 -11.06 19.45 -11.77
N PHE C 48 -11.93 18.55 -12.24
CA PHE C 48 -11.49 17.23 -12.66
C PHE C 48 -10.63 17.30 -13.90
N GLN C 49 -10.95 18.24 -14.78
CA GLN C 49 -10.21 18.42 -16.02
C GLN C 49 -8.81 18.97 -15.75
N LYS C 50 -8.72 19.86 -14.78
CA LYS C 50 -7.46 20.55 -14.50
C LYS C 50 -6.50 19.70 -13.66
N ILE C 51 -7.04 18.87 -12.77
CA ILE C 51 -6.20 17.98 -11.98
C ILE C 51 -5.69 16.82 -12.84
N TYR C 52 -6.44 16.52 -13.89
CA TYR C 52 -6.05 15.47 -14.82
C TYR C 52 -4.87 15.95 -15.67
N LYS C 53 -4.87 17.24 -15.99
CA LYS C 53 -3.74 17.85 -16.69
C LYS C 53 -2.50 17.92 -15.80
N GLN C 54 -2.73 18.16 -14.51
CA GLN C 54 -1.64 18.32 -13.55
C GLN C 54 -0.96 17.01 -13.19
N PHE C 55 -1.76 16.00 -12.89
CA PHE C 55 -1.27 14.73 -12.38
C PHE C 55 -1.01 13.68 -13.47
N PHE C 56 -1.41 14.00 -14.70
CA PHE C 56 -1.13 13.14 -15.85
C PHE C 56 -0.50 14.03 -16.92
N PRO C 57 0.81 14.29 -16.77
CA PRO C 57 1.67 15.23 -17.51
C PRO C 57 2.27 14.71 -18.81
N PHE C 58 1.53 13.92 -19.59
CA PHE C 58 2.07 13.37 -20.82
C PHE C 58 1.36 13.94 -22.04
N GLY C 59 0.32 13.25 -22.50
CA GLY C 59 -0.45 13.71 -23.63
C GLY C 59 -1.37 14.85 -23.21
N ASP C 60 -2.52 14.95 -23.86
CA ASP C 60 -3.47 16.00 -23.53
C ASP C 60 -4.78 15.35 -23.08
N PRO C 61 -4.92 15.18 -21.76
CA PRO C 61 -6.09 14.52 -21.16
C PRO C 61 -7.33 15.42 -21.14
N THR C 62 -7.24 16.58 -21.80
CA THR C 62 -8.33 17.53 -21.85
C THR C 62 -9.62 16.91 -22.38
N LYS C 63 -9.53 16.26 -23.53
CA LYS C 63 -10.69 15.64 -24.16
C LYS C 63 -11.25 14.49 -23.32
N PHE C 64 -10.37 13.59 -22.90
CA PHE C 64 -10.78 12.39 -22.18
C PHE C 64 -11.30 12.69 -20.78
N ALA C 65 -10.79 13.74 -20.16
CA ALA C 65 -11.28 14.15 -18.85
C ALA C 65 -12.75 14.53 -18.94
N THR C 66 -13.11 15.16 -20.06
CA THR C 66 -14.50 15.58 -20.27
C THR C 66 -15.40 14.37 -20.47
N PHE C 67 -14.98 13.44 -21.33
CA PHE C 67 -15.77 12.24 -21.59
C PHE C 67 -15.95 11.41 -20.32
N VAL C 68 -14.87 11.23 -19.58
CA VAL C 68 -14.89 10.45 -18.34
C VAL C 68 -15.78 11.07 -17.28
N PHE C 69 -15.69 12.38 -17.11
CA PHE C 69 -16.49 13.08 -16.11
C PHE C 69 -17.98 12.92 -16.40
N ASN C 70 -18.35 12.95 -17.67
CA ASN C 70 -19.75 12.86 -18.08
C ASN C 70 -20.34 11.47 -17.82
N VAL C 71 -19.51 10.44 -17.84
CA VAL C 71 -19.97 9.09 -17.55
C VAL C 71 -20.10 8.92 -16.03
N PHE C 72 -19.18 9.53 -15.30
CA PHE C 72 -19.25 9.55 -13.84
C PHE C 72 -20.51 10.27 -13.37
N ASP C 73 -20.67 11.51 -13.83
CA ASP C 73 -21.81 12.33 -13.45
C ASP C 73 -23.08 11.85 -14.14
N GLU C 74 -23.74 10.87 -13.52
CA GLU C 74 -24.90 10.23 -14.13
C GLU C 74 -26.15 11.11 -14.05
N ASN C 75 -26.37 11.74 -12.89
CA ASN C 75 -27.54 12.58 -12.70
C ASN C 75 -27.35 13.98 -13.29
N LYS C 76 -26.17 14.21 -13.85
CA LYS C 76 -25.85 15.45 -14.58
C LYS C 76 -26.05 16.71 -13.74
N ASP C 77 -25.51 16.71 -12.53
CA ASP C 77 -25.62 17.88 -11.65
C ASP C 77 -24.33 18.69 -11.64
N GLY C 78 -23.34 18.20 -12.36
CA GLY C 78 -22.07 18.91 -12.54
C GLY C 78 -20.99 18.56 -11.53
N ARG C 79 -21.25 17.57 -10.69
CA ARG C 79 -20.28 17.09 -9.71
C ARG C 79 -20.36 15.58 -9.56
N ILE C 80 -19.25 14.98 -9.13
CA ILE C 80 -19.21 13.54 -8.90
C ILE C 80 -19.33 13.23 -7.41
N GLU C 81 -20.54 12.90 -6.97
CA GLU C 81 -20.73 12.46 -5.59
C GLU C 81 -20.17 11.06 -5.39
N PHE C 82 -20.12 10.64 -4.13
CA PHE C 82 -19.52 9.36 -3.76
C PHE C 82 -20.29 8.19 -4.35
N SER C 83 -21.61 8.33 -4.44
CA SER C 83 -22.47 7.28 -4.97
C SER C 83 -22.11 6.91 -6.41
N GLU C 84 -21.81 7.93 -7.22
CA GLU C 84 -21.49 7.69 -8.62
C GLU C 84 -20.08 7.13 -8.78
N PHE C 85 -19.17 7.57 -7.92
CA PHE C 85 -17.79 7.11 -7.97
C PHE C 85 -17.65 5.65 -7.50
N ILE C 86 -18.34 5.32 -6.42
CA ILE C 86 -18.21 3.99 -5.81
C ILE C 86 -18.88 2.89 -6.64
N GLN C 87 -19.90 3.25 -7.41
CA GLN C 87 -20.59 2.27 -8.23
C GLN C 87 -19.82 2.06 -9.54
N ALA C 88 -19.18 3.12 -10.00
CA ALA C 88 -18.34 3.06 -11.19
C ALA C 88 -17.09 2.25 -10.88
N LEU C 89 -16.54 2.45 -9.68
CA LEU C 89 -15.35 1.72 -9.25
C LEU C 89 -15.65 0.24 -9.04
N SER C 90 -16.87 -0.06 -8.62
CA SER C 90 -17.29 -1.44 -8.36
C SER C 90 -17.24 -2.31 -9.62
N VAL C 91 -17.91 -1.86 -10.67
CA VAL C 91 -18.03 -2.63 -11.91
C VAL C 91 -16.68 -2.86 -12.59
N THR C 92 -15.81 -1.86 -12.59
CA THR C 92 -14.54 -1.96 -13.32
C THR C 92 -13.54 -2.87 -12.62
N SER C 93 -13.69 -3.06 -11.31
CA SER C 93 -12.72 -3.83 -10.56
C SER C 93 -13.22 -5.22 -10.18
N ARG C 94 -14.53 -5.38 -10.04
CA ARG C 94 -15.10 -6.65 -9.59
C ARG C 94 -16.24 -7.16 -10.49
N GLY C 95 -16.79 -6.27 -11.30
CA GLY C 95 -17.90 -6.62 -12.17
C GLY C 95 -17.55 -7.67 -13.20
N THR C 96 -18.57 -8.30 -13.78
CA THR C 96 -18.34 -9.30 -14.81
C THR C 96 -17.86 -8.64 -16.10
N LEU C 97 -17.48 -9.45 -17.08
CA LEU C 97 -17.02 -8.95 -18.37
C LEU C 97 -18.14 -8.20 -19.09
N ASP C 98 -19.34 -8.73 -18.96
CA ASP C 98 -20.52 -8.13 -19.56
C ASP C 98 -20.81 -6.73 -19.01
N GLU C 99 -20.73 -6.60 -17.69
CA GLU C 99 -21.00 -5.32 -17.03
C GLU C 99 -19.97 -4.26 -17.40
N LYS C 100 -18.72 -4.68 -17.52
CA LYS C 100 -17.64 -3.77 -17.90
C LYS C 100 -17.80 -3.30 -19.34
N LEU C 101 -18.27 -4.19 -20.19
CA LEU C 101 -18.51 -3.85 -21.59
C LEU C 101 -19.69 -2.89 -21.69
N ARG C 102 -20.64 -3.07 -20.78
CA ARG C 102 -21.80 -2.19 -20.68
C ARG C 102 -21.34 -0.83 -20.19
N TRP C 103 -20.34 -0.87 -19.32
CA TRP C 103 -19.72 0.33 -18.77
C TRP C 103 -18.92 1.08 -19.83
N ALA C 104 -18.26 0.33 -20.70
CA ALA C 104 -17.51 0.93 -21.80
C ALA C 104 -18.45 1.52 -22.85
N PHE C 105 -19.59 0.86 -23.05
CA PHE C 105 -20.57 1.30 -24.03
C PHE C 105 -21.12 2.68 -23.69
N LYS C 106 -21.36 2.91 -22.41
CA LYS C 106 -21.90 4.18 -21.92
C LYS C 106 -20.91 5.30 -22.23
N LEU C 107 -19.63 4.96 -22.20
CA LEU C 107 -18.57 5.89 -22.54
C LEU C 107 -18.57 6.29 -24.00
N TYR C 108 -18.71 5.30 -24.89
CA TYR C 108 -18.73 5.55 -26.33
C TYR C 108 -20.00 6.24 -26.80
N ASP C 109 -21.14 5.80 -26.29
CA ASP C 109 -22.43 6.39 -26.68
C ASP C 109 -22.56 7.78 -26.08
N LEU C 110 -22.04 8.78 -26.78
CA LEU C 110 -21.99 10.14 -26.27
C LEU C 110 -23.36 10.79 -26.15
N ASP C 111 -24.21 10.60 -27.15
CA ASP C 111 -25.52 11.25 -27.15
C ASP C 111 -26.56 10.38 -26.47
N ASN C 112 -26.12 9.23 -25.96
CA ASN C 112 -26.96 8.33 -25.16
C ASN C 112 -28.23 7.89 -25.90
N ASP C 113 -28.06 7.31 -27.10
CA ASP C 113 -29.20 6.85 -27.88
C ASP C 113 -29.25 5.32 -27.99
N GLY C 114 -28.31 4.65 -27.34
CA GLY C 114 -28.28 3.19 -27.36
C GLY C 114 -27.44 2.65 -28.51
N TYR C 115 -26.79 3.55 -29.23
CA TYR C 115 -25.96 3.16 -30.38
C TYR C 115 -24.55 3.72 -30.28
N ILE C 116 -23.60 3.01 -30.86
CA ILE C 116 -22.26 3.53 -31.08
C ILE C 116 -22.03 3.75 -32.57
N THR C 117 -21.88 5.01 -32.97
CA THR C 117 -21.63 5.30 -34.37
C THR C 117 -20.13 5.34 -34.63
N ARG C 118 -19.76 5.42 -35.91
CA ARG C 118 -18.37 5.37 -36.31
C ARG C 118 -17.63 6.60 -35.77
N ASN C 119 -18.29 7.74 -35.79
CA ASN C 119 -17.70 8.99 -35.33
C ASN C 119 -17.64 9.07 -33.81
N GLU C 120 -18.59 8.40 -33.16
CA GLU C 120 -18.62 8.35 -31.70
C GLU C 120 -17.44 7.58 -31.12
N MET C 121 -17.19 6.40 -31.66
CA MET C 121 -16.07 5.58 -31.21
C MET C 121 -14.73 6.25 -31.51
N LEU C 122 -14.68 6.95 -32.64
CA LEU C 122 -13.48 7.69 -33.02
C LEU C 122 -13.15 8.78 -32.01
N ASP C 123 -14.17 9.46 -31.48
CA ASP C 123 -13.97 10.51 -30.49
C ASP C 123 -13.33 10.00 -29.20
N ILE C 124 -13.70 8.79 -28.79
CA ILE C 124 -13.15 8.19 -27.58
C ILE C 124 -11.72 7.69 -27.80
N VAL C 125 -11.52 6.93 -28.87
CA VAL C 125 -10.22 6.37 -29.20
C VAL C 125 -9.18 7.48 -29.41
N ASP C 126 -9.59 8.54 -30.10
CA ASP C 126 -8.69 9.67 -30.35
C ASP C 126 -8.37 10.43 -29.07
N ALA C 127 -9.34 10.52 -28.16
CA ALA C 127 -9.12 11.17 -26.88
C ALA C 127 -8.08 10.43 -26.05
N ILE C 128 -8.16 9.10 -26.08
CA ILE C 128 -7.17 8.25 -25.41
C ILE C 128 -5.83 8.29 -26.14
N TYR C 129 -5.90 8.36 -27.47
CA TYR C 129 -4.71 8.37 -28.31
C TYR C 129 -3.86 9.61 -28.07
N GLN C 130 -4.50 10.74 -27.82
CA GLN C 130 -3.78 11.99 -27.60
C GLN C 130 -2.97 11.89 -26.32
N MET C 131 -3.43 11.03 -25.40
CA MET C 131 -2.78 10.88 -24.11
C MET C 131 -1.57 9.94 -24.17
N VAL C 132 -1.65 8.91 -25.02
CA VAL C 132 -0.61 7.89 -25.07
C VAL C 132 0.12 7.79 -26.41
N GLY C 133 -0.48 8.32 -27.47
CA GLY C 133 0.11 8.23 -28.79
C GLY C 133 1.07 9.36 -29.10
N ASN C 134 2.08 9.54 -28.25
CA ASN C 134 3.04 10.63 -28.43
C ASN C 134 4.49 10.15 -28.32
N THR C 135 5.41 11.09 -28.32
CA THR C 135 6.84 10.80 -28.17
C THR C 135 7.34 10.45 -26.77
N VAL C 136 6.46 10.49 -25.77
CA VAL C 136 6.90 10.18 -24.40
C VAL C 136 6.66 8.73 -23.99
N GLU C 137 5.51 8.18 -24.33
CA GLU C 137 5.19 6.82 -23.90
C GLU C 137 5.34 5.78 -25.00
N LEU C 138 4.94 6.11 -26.23
CA LEU C 138 5.08 5.17 -27.33
C LEU C 138 6.02 5.71 -28.40
N ASN C 143 -0.52 2.13 -34.44
CA ASN C 143 -1.82 2.31 -35.09
C ASN C 143 -2.38 3.72 -34.89
N THR C 144 -3.41 4.05 -35.67
CA THR C 144 -4.04 5.37 -35.61
C THR C 144 -5.51 5.19 -35.26
N PRO C 145 -6.11 6.19 -34.60
CA PRO C 145 -7.53 6.11 -34.24
C PRO C 145 -8.46 5.92 -35.45
N GLU C 146 -8.08 6.46 -36.60
CA GLU C 146 -8.93 6.36 -37.79
C GLU C 146 -9.09 4.94 -38.31
N LYS C 147 -7.98 4.27 -38.60
CA LYS C 147 -8.02 2.94 -39.20
C LYS C 147 -8.38 1.84 -38.20
N ARG C 148 -8.06 2.08 -36.94
CA ARG C 148 -8.30 1.11 -35.87
C ARG C 148 -9.80 1.02 -35.58
N VAL C 149 -10.47 2.16 -35.55
CA VAL C 149 -11.91 2.18 -35.33
C VAL C 149 -12.62 1.48 -36.50
N ASP C 150 -12.13 1.74 -37.70
CA ASP C 150 -12.67 1.12 -38.91
C ASP C 150 -12.52 -0.40 -38.91
N ARG C 151 -11.43 -0.88 -38.32
CA ARG C 151 -11.14 -2.32 -38.29
C ARG C 151 -12.08 -3.06 -37.34
N ILE C 152 -12.28 -2.50 -36.15
CA ILE C 152 -13.10 -3.15 -35.13
C ILE C 152 -14.58 -2.94 -35.40
N PHE C 153 -14.92 -1.82 -36.03
CA PHE C 153 -16.31 -1.52 -36.36
C PHE C 153 -16.82 -2.49 -37.41
N ALA C 154 -15.96 -2.82 -38.37
CA ALA C 154 -16.30 -3.77 -39.42
C ALA C 154 -16.52 -5.17 -38.83
N MET C 155 -15.83 -5.48 -37.74
CA MET C 155 -15.94 -6.78 -37.11
C MET C 155 -17.21 -6.91 -36.26
N MET C 156 -17.50 -5.88 -35.47
CA MET C 156 -18.59 -5.92 -34.49
C MET C 156 -19.96 -5.65 -35.12
N ASP C 157 -20.00 -4.78 -36.12
CA ASP C 157 -21.25 -4.42 -36.78
C ASP C 157 -21.77 -5.58 -37.64
N LYS C 158 -22.62 -6.42 -37.06
CA LYS C 158 -23.10 -7.61 -37.76
C LYS C 158 -23.98 -7.27 -38.96
N ASN C 159 -24.82 -6.25 -38.82
CA ASN C 159 -25.75 -5.91 -39.89
C ASN C 159 -25.22 -4.83 -40.82
N ALA C 160 -24.03 -4.31 -40.50
CA ALA C 160 -23.36 -3.30 -41.32
C ALA C 160 -24.22 -2.07 -41.60
N ASP C 161 -24.77 -1.49 -40.54
CA ASP C 161 -25.60 -0.30 -40.66
C ASP C 161 -24.86 0.97 -40.22
N GLY C 162 -23.59 0.80 -39.85
CA GLY C 162 -22.78 1.93 -39.44
C GLY C 162 -22.94 2.30 -37.97
N LYS C 163 -23.74 1.51 -37.26
CA LYS C 163 -23.96 1.74 -35.83
C LYS C 163 -23.74 0.46 -35.03
N LEU C 164 -23.30 0.61 -33.78
CA LEU C 164 -23.11 -0.53 -32.90
C LEU C 164 -24.12 -0.53 -31.75
N THR C 165 -24.85 -1.63 -31.61
CA THR C 165 -25.73 -1.83 -30.47
C THR C 165 -24.93 -2.40 -29.31
N LEU C 166 -25.53 -2.46 -28.13
CA LEU C 166 -24.87 -3.05 -26.97
C LEU C 166 -24.59 -4.52 -27.24
N GLN C 167 -25.51 -5.16 -27.95
CA GLN C 167 -25.38 -6.57 -28.30
C GLN C 167 -24.23 -6.78 -29.29
N GLU C 168 -24.15 -5.91 -30.29
CA GLU C 168 -23.08 -5.97 -31.27
C GLU C 168 -21.72 -5.69 -30.63
N PHE C 169 -21.70 -4.75 -29.69
CA PHE C 169 -20.49 -4.33 -29.01
C PHE C 169 -19.95 -5.39 -28.05
N GLN C 170 -20.85 -6.01 -27.29
CA GLN C 170 -20.45 -7.00 -26.29
C GLN C 170 -19.84 -8.26 -26.90
N GLU C 171 -20.54 -8.83 -27.88
CA GLU C 171 -20.06 -10.06 -28.52
C GLU C 171 -18.78 -9.82 -29.31
N GLY C 172 -18.70 -8.67 -29.96
CA GLY C 172 -17.53 -8.32 -30.75
C GLY C 172 -16.27 -8.25 -29.91
N SER C 173 -16.41 -7.87 -28.65
CA SER C 173 -15.28 -7.78 -27.74
C SER C 173 -14.98 -9.16 -27.14
N LYS C 174 -16.04 -9.92 -26.88
CA LYS C 174 -15.91 -11.25 -26.28
C LYS C 174 -15.29 -12.24 -27.25
N LEU D 8 22.24 5.93 -3.12
CA LEU D 8 22.94 5.22 -2.07
C LEU D 8 23.01 3.73 -2.39
N LYS D 9 24.10 3.08 -1.99
CA LYS D 9 24.36 1.65 -2.22
C LYS D 9 24.57 1.34 -3.70
N PRO D 10 25.77 0.82 -4.03
CA PRO D 10 26.18 0.49 -5.40
C PRO D 10 26.17 -0.99 -5.77
N GLU D 11 27.27 -1.70 -5.50
CA GLU D 11 27.34 -3.11 -5.84
C GLU D 11 27.01 -3.96 -4.62
N VAL D 12 26.47 -3.30 -3.60
CA VAL D 12 25.89 -4.00 -2.46
C VAL D 12 24.51 -4.52 -2.84
N VAL D 13 23.81 -3.75 -3.66
CA VAL D 13 22.49 -4.12 -4.14
C VAL D 13 22.51 -5.45 -4.88
N GLU D 14 23.51 -5.62 -5.74
CA GLU D 14 23.67 -6.86 -6.50
C GLU D 14 23.92 -8.04 -5.58
N GLU D 15 24.67 -7.81 -4.51
CA GLU D 15 24.99 -8.85 -3.54
C GLU D 15 23.78 -9.20 -2.68
N LEU D 16 23.08 -8.17 -2.18
CA LEU D 16 21.90 -8.41 -1.36
C LEU D 16 20.69 -8.80 -2.21
N THR D 17 20.96 -9.19 -3.45
CA THR D 17 19.94 -9.67 -4.37
C THR D 17 20.12 -11.17 -4.57
N ARG D 18 21.37 -11.60 -4.55
CA ARG D 18 21.71 -13.00 -4.69
C ARG D 18 21.52 -13.75 -3.37
N LYS D 19 21.46 -13.00 -2.28
CA LYS D 19 21.31 -13.60 -0.96
C LYS D 19 19.90 -13.50 -0.40
N THR D 20 19.00 -12.83 -1.11
CA THR D 20 17.66 -12.59 -0.58
C THR D 20 16.51 -12.86 -1.55
N TYR D 21 16.82 -12.87 -2.85
CA TYR D 21 15.81 -13.06 -3.88
C TYR D 21 14.78 -11.93 -3.89
N PHE D 22 15.24 -10.77 -3.41
CA PHE D 22 14.50 -9.52 -3.53
C PHE D 22 15.08 -8.91 -4.78
N THR D 23 14.29 -8.13 -5.52
CA THR D 23 14.82 -7.51 -6.73
C THR D 23 15.65 -6.27 -6.42
N GLU D 24 16.33 -5.79 -7.45
CA GLU D 24 17.24 -4.66 -7.32
C GLU D 24 16.42 -3.37 -7.22
N LYS D 25 15.10 -3.54 -7.30
CA LYS D 25 14.14 -2.47 -7.07
C LYS D 25 13.65 -2.50 -5.63
N GLU D 26 13.56 -3.71 -5.08
CA GLU D 26 13.07 -3.91 -3.71
C GLU D 26 14.14 -3.64 -2.65
N VAL D 27 15.40 -3.93 -2.98
CA VAL D 27 16.49 -3.70 -2.04
C VAL D 27 16.71 -2.21 -1.78
N GLN D 28 16.58 -1.40 -2.83
CA GLN D 28 16.70 0.05 -2.70
C GLN D 28 15.59 0.67 -1.87
N GLN D 29 14.35 0.22 -2.09
CA GLN D 29 13.23 0.76 -1.33
C GLN D 29 13.34 0.37 0.14
N TRP D 30 13.83 -0.82 0.41
CA TRP D 30 13.99 -1.26 1.80
C TRP D 30 15.12 -0.53 2.50
N TYR D 31 16.12 -0.10 1.74
CA TYR D 31 17.17 0.74 2.32
C TYR D 31 16.69 2.16 2.52
N LYS D 32 15.91 2.65 1.56
CA LYS D 32 15.37 3.99 1.64
C LYS D 32 14.47 4.09 2.86
N GLY D 33 13.74 3.01 3.12
CA GLY D 33 12.84 2.93 4.27
C GLY D 33 13.56 2.65 5.57
N PHE D 34 14.71 1.97 5.48
CA PHE D 34 15.47 1.60 6.67
C PHE D 34 16.04 2.80 7.40
N ILE D 35 16.79 3.64 6.69
CA ILE D 35 17.38 4.82 7.31
C ILE D 35 16.37 5.95 7.57
N LYS D 36 15.24 5.92 6.87
CA LYS D 36 14.20 6.91 7.11
C LYS D 36 13.18 6.40 8.13
N ASP D 37 11.89 6.65 7.87
CA ASP D 37 10.75 6.10 8.60
C ASP D 37 10.85 6.27 10.12
N CYS D 38 11.06 5.17 10.83
CA CYS D 38 11.11 5.24 12.29
C CYS D 38 12.54 5.24 12.88
N PRO D 39 13.36 4.22 12.58
CA PRO D 39 14.68 4.22 13.22
C PRO D 39 15.57 5.36 12.74
N LEU D 43 19.63 1.27 15.10
CA LEU D 43 18.95 0.82 16.30
C LEU D 43 19.70 -0.29 17.02
N ASP D 44 20.04 -0.05 18.27
CA ASP D 44 20.77 -1.03 19.07
C ASP D 44 19.77 -1.84 19.90
N ALA D 45 20.27 -2.66 20.82
CA ALA D 45 19.40 -3.52 21.62
C ALA D 45 18.46 -2.69 22.49
N ALA D 46 18.98 -1.63 23.09
CA ALA D 46 18.20 -0.77 23.97
C ALA D 46 17.11 -0.03 23.19
N GLY D 47 17.48 0.50 22.03
CA GLY D 47 16.55 1.23 21.18
C GLY D 47 15.45 0.36 20.61
N PHE D 48 15.83 -0.84 20.17
CA PHE D 48 14.87 -1.79 19.61
C PHE D 48 13.91 -2.28 20.69
N GLN D 49 14.42 -2.42 21.90
CA GLN D 49 13.61 -2.89 23.01
C GLN D 49 12.55 -1.86 23.42
N LYS D 50 12.92 -0.58 23.39
CA LYS D 50 12.02 0.48 23.83
C LYS D 50 11.02 0.83 22.73
N ILE D 51 11.44 0.69 21.48
CA ILE D 51 10.58 0.96 20.34
C ILE D 51 9.54 -0.15 20.21
N TYR D 52 9.89 -1.34 20.69
CA TYR D 52 8.97 -2.47 20.70
C TYR D 52 7.91 -2.30 21.79
N LYS D 53 8.31 -1.71 22.90
CA LYS D 53 7.39 -1.38 23.99
C LYS D 53 6.41 -0.27 23.64
N GLN D 54 6.87 0.71 22.88
CA GLN D 54 6.05 1.87 22.52
C GLN D 54 4.98 1.57 21.49
N PHE D 55 5.39 0.88 20.43
CA PHE D 55 4.57 0.64 19.25
C PHE D 55 3.76 -0.66 19.31
N PHE D 56 4.04 -1.50 20.29
CA PHE D 56 3.29 -2.73 20.52
C PHE D 56 2.88 -2.76 21.97
N PRO D 57 1.79 -2.04 22.30
CA PRO D 57 1.31 -1.80 23.66
C PRO D 57 0.42 -2.91 24.22
N PHE D 58 0.70 -4.15 23.83
CA PHE D 58 -0.06 -5.30 24.33
C PHE D 58 0.89 -6.23 25.08
N GLY D 59 0.74 -6.26 26.40
CA GLY D 59 1.57 -7.10 27.24
C GLY D 59 2.96 -6.52 27.41
N ASP D 60 3.93 -7.39 27.61
CA ASP D 60 5.31 -6.97 27.81
C ASP D 60 6.24 -7.59 26.77
N PRO D 61 6.53 -6.86 25.69
CA PRO D 61 7.38 -7.35 24.60
C PRO D 61 8.87 -7.33 24.96
N THR D 62 9.19 -7.05 26.22
CA THR D 62 10.57 -6.95 26.69
C THR D 62 11.40 -8.19 26.39
N LYS D 63 10.89 -9.36 26.78
CA LYS D 63 11.61 -10.61 26.59
C LYS D 63 11.81 -10.96 25.12
N PHE D 64 10.74 -10.89 24.33
CA PHE D 64 10.80 -11.30 22.94
C PHE D 64 11.63 -10.33 22.10
N ALA D 65 11.66 -9.06 22.49
CA ALA D 65 12.46 -8.06 21.80
C ALA D 65 13.95 -8.41 21.85
N THR D 66 14.38 -8.95 22.98
CA THR D 66 15.78 -9.34 23.17
C THR D 66 16.14 -10.53 22.30
N PHE D 67 15.28 -11.55 22.33
CA PHE D 67 15.50 -12.76 21.54
C PHE D 67 15.54 -12.45 20.04
N VAL D 68 14.61 -11.62 19.59
CA VAL D 68 14.54 -11.25 18.17
C VAL D 68 15.77 -10.45 17.74
N PHE D 69 16.20 -9.51 18.59
CA PHE D 69 17.35 -8.68 18.28
C PHE D 69 18.62 -9.52 18.11
N ASN D 70 18.76 -10.56 18.94
CA ASN D 70 19.96 -11.40 18.89
C ASN D 70 20.05 -12.24 17.62
N VAL D 71 18.91 -12.56 17.04
CA VAL D 71 18.88 -13.30 15.78
C VAL D 71 19.15 -12.35 14.62
N PHE D 72 18.65 -11.13 14.75
CA PHE D 72 18.92 -10.08 13.77
C PHE D 72 20.40 -9.78 13.69
N ASP D 73 20.97 -9.43 14.84
CA ASP D 73 22.38 -9.11 14.96
C ASP D 73 23.24 -10.38 14.89
N GLU D 74 23.56 -10.83 13.69
CA GLU D 74 24.27 -12.09 13.51
C GLU D 74 25.74 -11.99 13.85
N ASN D 75 26.39 -10.88 13.46
CA ASN D 75 27.81 -10.69 13.73
C ASN D 75 28.04 -10.21 15.16
N LYS D 76 26.95 -10.04 15.89
CA LYS D 76 26.98 -9.72 17.33
C LYS D 76 27.78 -8.46 17.66
N ASP D 77 27.52 -7.37 16.94
CA ASP D 77 28.21 -6.11 17.20
C ASP D 77 27.37 -5.08 17.96
N GLY D 78 26.12 -5.43 18.24
CA GLY D 78 25.22 -4.59 19.01
C GLY D 78 24.38 -3.65 18.15
N ARG D 79 24.43 -3.85 16.84
CA ARG D 79 23.66 -3.05 15.91
C ARG D 79 23.11 -3.92 14.78
N ILE D 80 21.99 -3.50 14.20
CA ILE D 80 21.43 -4.20 13.06
C ILE D 80 21.72 -3.42 11.79
N GLU D 81 22.76 -3.82 11.06
CA GLU D 81 23.04 -3.20 9.77
C GLU D 81 22.02 -3.66 8.75
N PHE D 82 22.03 -3.03 7.59
CA PHE D 82 21.04 -3.31 6.54
C PHE D 82 21.17 -4.74 6.01
N SER D 83 22.41 -5.24 5.96
CA SER D 83 22.67 -6.58 5.46
C SER D 83 21.96 -7.65 6.28
N GLU D 84 21.94 -7.48 7.60
CA GLU D 84 21.32 -8.42 8.50
C GLU D 84 19.79 -8.31 8.49
N PHE D 85 19.31 -7.08 8.32
CA PHE D 85 17.88 -6.82 8.30
C PHE D 85 17.21 -7.36 7.05
N ILE D 86 17.85 -7.13 5.89
CA ILE D 86 17.26 -7.53 4.62
C ILE D 86 17.30 -9.05 4.41
N GLN D 87 18.27 -9.72 5.03
CA GLN D 87 18.39 -11.17 4.90
C GLN D 87 17.45 -11.89 5.86
N ALA D 88 17.23 -11.28 7.01
CA ALA D 88 16.31 -11.82 8.01
C ALA D 88 14.88 -11.71 7.48
N LEU D 89 14.58 -10.58 6.85
CA LEU D 89 13.28 -10.34 6.25
C LEU D 89 13.07 -11.27 5.05
N SER D 90 14.17 -11.61 4.39
CA SER D 90 14.15 -12.46 3.20
C SER D 90 13.58 -13.85 3.42
N VAL D 91 14.12 -14.55 4.42
CA VAL D 91 13.75 -15.96 4.63
C VAL D 91 12.26 -16.14 4.95
N THR D 92 11.70 -15.24 5.75
CA THR D 92 10.31 -15.38 6.16
C THR D 92 9.35 -15.00 5.02
N SER D 93 9.83 -14.17 4.10
CA SER D 93 8.98 -13.65 3.04
C SER D 93 9.28 -14.30 1.68
N ARG D 94 10.52 -14.75 1.49
CA ARG D 94 10.89 -15.30 0.20
C ARG D 94 11.55 -16.68 0.30
N GLY D 95 12.05 -17.00 1.49
CA GLY D 95 12.79 -18.23 1.70
C GLY D 95 12.02 -19.52 1.49
N THR D 96 12.74 -20.62 1.32
CA THR D 96 12.13 -21.94 1.17
C THR D 96 11.62 -22.42 2.52
N LEU D 97 10.90 -23.54 2.52
CA LEU D 97 10.38 -24.10 3.76
C LEU D 97 11.53 -24.55 4.68
N ASP D 98 12.56 -25.14 4.07
CA ASP D 98 13.72 -25.60 4.81
C ASP D 98 14.42 -24.43 5.50
N GLU D 99 14.59 -23.34 4.76
CA GLU D 99 15.24 -22.15 5.30
C GLU D 99 14.41 -21.51 6.41
N LYS D 100 13.09 -21.54 6.25
CA LYS D 100 12.19 -20.96 7.24
C LYS D 100 12.21 -21.74 8.56
N LEU D 101 12.27 -23.06 8.47
CA LEU D 101 12.32 -23.90 9.66
C LEU D 101 13.68 -23.78 10.34
N ARG D 102 14.72 -23.61 9.54
CA ARG D 102 16.06 -23.40 10.05
C ARG D 102 16.14 -22.02 10.68
N TRP D 103 15.38 -21.09 10.13
CA TRP D 103 15.30 -19.73 10.65
C TRP D 103 14.61 -19.71 12.00
N ALA D 104 13.59 -20.55 12.15
CA ALA D 104 12.88 -20.66 13.42
C ALA D 104 13.74 -21.36 14.45
N PHE D 105 14.57 -22.30 14.00
CA PHE D 105 15.46 -23.06 14.88
C PHE D 105 16.43 -22.16 15.63
N LYS D 106 16.98 -21.16 14.93
CA LYS D 106 17.92 -20.23 15.55
C LYS D 106 17.28 -19.44 16.69
N LEU D 107 15.99 -19.16 16.55
CA LEU D 107 15.27 -18.42 17.59
C LEU D 107 15.17 -19.25 18.85
N TYR D 108 14.80 -20.52 18.71
CA TYR D 108 14.67 -21.42 19.84
C TYR D 108 16.03 -21.80 20.44
N ASP D 109 17.00 -22.08 19.57
CA ASP D 109 18.34 -22.45 20.02
C ASP D 109 19.05 -21.23 20.57
N LEU D 110 18.85 -20.96 21.85
CA LEU D 110 19.36 -19.75 22.49
C LEU D 110 20.88 -19.71 22.60
N ASP D 111 21.48 -20.82 23.00
CA ASP D 111 22.93 -20.84 23.21
C ASP D 111 23.69 -21.25 21.95
N ASN D 112 22.94 -21.49 20.87
CA ASN D 112 23.50 -21.78 19.55
C ASN D 112 24.47 -22.96 19.56
N ASP D 113 24.01 -24.10 20.07
CA ASP D 113 24.84 -25.31 20.09
C ASP D 113 24.28 -26.39 19.16
N GLY D 114 23.22 -26.06 18.45
CA GLY D 114 22.62 -26.99 17.51
C GLY D 114 21.51 -27.85 18.11
N TYR D 115 21.14 -27.56 19.35
CA TYR D 115 20.08 -28.30 20.02
C TYR D 115 19.03 -27.38 20.60
N ILE D 116 17.79 -27.86 20.68
CA ILE D 116 16.73 -27.16 21.40
C ILE D 116 16.34 -27.93 22.65
N THR D 117 16.59 -27.35 23.81
CA THR D 117 16.22 -28.00 25.07
C THR D 117 14.81 -27.58 25.48
N ARG D 118 14.28 -28.24 26.51
CA ARG D 118 12.92 -27.98 26.96
C ARG D 118 12.79 -26.56 27.51
N ASN D 119 13.83 -26.12 28.21
CA ASN D 119 13.82 -24.79 28.81
C ASN D 119 14.06 -23.70 27.79
N GLU D 120 14.79 -24.04 26.72
CA GLU D 120 15.04 -23.09 25.64
C GLU D 120 13.75 -22.77 24.89
N MET D 121 13.01 -23.82 24.53
CA MET D 121 11.74 -23.66 23.85
C MET D 121 10.72 -22.95 24.73
N LEU D 122 10.77 -23.27 26.03
CA LEU D 122 9.90 -22.62 27.00
C LEU D 122 10.17 -21.12 27.08
N ASP D 123 11.45 -20.75 27.01
CA ASP D 123 11.84 -19.34 27.05
C ASP D 123 11.28 -18.54 25.88
N ILE D 124 11.21 -19.17 24.71
CA ILE D 124 10.66 -18.51 23.53
C ILE D 124 9.14 -18.43 23.60
N VAL D 125 8.51 -19.57 23.89
CA VAL D 125 7.06 -19.63 23.96
C VAL D 125 6.50 -18.69 25.01
N ASP D 126 7.17 -18.62 26.16
CA ASP D 126 6.75 -17.75 27.25
C ASP D 126 6.91 -16.28 26.90
N ALA D 127 7.96 -15.96 26.14
CA ALA D 127 8.19 -14.59 25.70
C ALA D 127 7.08 -14.13 24.75
N ILE D 128 6.66 -15.02 23.86
CA ILE D 128 5.56 -14.75 22.94
C ILE D 128 4.24 -14.72 23.70
N TYR D 129 4.12 -15.59 24.69
CA TYR D 129 2.91 -15.72 25.49
C TYR D 129 2.64 -14.43 26.26
N GLN D 130 3.70 -13.78 26.73
CA GLN D 130 3.54 -12.55 27.49
C GLN D 130 3.01 -11.42 26.61
N MET D 131 3.26 -11.49 25.31
CA MET D 131 2.85 -10.41 24.41
C MET D 131 1.41 -10.48 23.94
N VAL D 132 0.97 -11.65 23.49
CA VAL D 132 -0.38 -11.80 22.94
C VAL D 132 -1.22 -12.88 23.63
N GLY D 133 -0.54 -13.79 24.32
CA GLY D 133 -1.16 -14.93 24.95
C GLY D 133 -1.70 -14.71 26.34
N ASN D 134 -1.22 -13.67 27.01
CA ASN D 134 -1.55 -13.44 28.40
C ASN D 134 -2.13 -12.06 28.65
N THR D 135 -2.36 -11.30 27.59
CA THR D 135 -3.05 -10.02 27.71
C THR D 135 -4.55 -10.16 27.91
N VAL D 136 -5.17 -9.11 28.44
CA VAL D 136 -6.60 -9.07 28.65
C VAL D 136 -7.24 -8.35 27.46
N GLU D 137 -6.39 -7.93 26.53
CA GLU D 137 -6.81 -7.17 25.35
C GLU D 137 -6.91 -8.06 24.12
N LEU D 138 -6.00 -9.04 24.03
CA LEU D 138 -5.96 -9.95 22.90
C LEU D 138 -6.36 -11.35 23.35
N PRO D 139 -6.93 -12.14 22.42
CA PRO D 139 -7.40 -13.49 22.76
C PRO D 139 -6.25 -14.44 23.06
N GLU D 140 -6.53 -15.75 23.06
CA GLU D 140 -5.51 -16.77 23.26
C GLU D 140 -4.94 -16.74 24.69
N GLU D 141 -4.41 -17.87 25.17
CA GLU D 141 -4.38 -19.11 24.41
C GLU D 141 -5.49 -20.05 24.83
N GLU D 142 -5.09 -21.26 25.23
CA GLU D 142 -6.01 -22.25 25.76
C GLU D 142 -5.24 -23.09 26.75
N ASN D 143 -3.97 -23.29 26.43
CA ASN D 143 -3.03 -23.94 27.35
C ASN D 143 -2.02 -22.94 27.88
N THR D 144 -0.93 -23.46 28.44
CA THR D 144 0.11 -22.66 29.04
C THR D 144 1.44 -22.96 28.34
N PRO D 145 2.39 -22.01 28.37
CA PRO D 145 3.71 -22.29 27.79
C PRO D 145 4.32 -23.53 28.43
N GLU D 146 3.97 -23.78 29.68
CA GLU D 146 4.46 -24.95 30.40
C GLU D 146 3.94 -26.21 29.73
N LYS D 147 2.63 -26.30 29.57
CA LYS D 147 1.98 -27.48 28.99
C LYS D 147 2.06 -27.57 27.46
N ARG D 148 2.20 -26.45 26.77
CA ARG D 148 2.27 -26.50 25.31
C ARG D 148 3.63 -27.08 24.89
N VAL D 149 4.68 -26.64 25.57
CA VAL D 149 6.03 -27.11 25.26
C VAL D 149 6.17 -28.60 25.57
N ASP D 150 5.59 -29.05 26.68
CA ASP D 150 5.64 -30.47 27.04
C ASP D 150 4.95 -31.34 25.99
N ARG D 151 3.88 -30.83 25.41
CA ARG D 151 3.12 -31.58 24.41
C ARG D 151 3.90 -31.65 23.11
N ILE D 152 4.49 -30.52 22.71
CA ILE D 152 5.20 -30.43 21.44
C ILE D 152 6.57 -31.10 21.54
N PHE D 153 7.19 -31.04 22.71
CA PHE D 153 8.50 -31.66 22.90
C PHE D 153 8.37 -33.19 22.90
N ALA D 154 7.30 -33.70 23.51
CA ALA D 154 7.08 -35.14 23.56
C ALA D 154 6.84 -35.70 22.16
N MET D 155 6.29 -34.88 21.28
CA MET D 155 5.99 -35.27 19.91
C MET D 155 7.23 -35.26 19.02
N MET D 156 8.00 -34.18 19.11
CA MET D 156 9.13 -33.99 18.22
C MET D 156 10.35 -34.77 18.67
N ASP D 157 10.56 -34.86 19.98
CA ASP D 157 11.70 -35.59 20.51
C ASP D 157 11.46 -37.08 20.33
N LYS D 158 11.90 -37.60 19.18
CA LYS D 158 11.65 -38.98 18.81
C LYS D 158 12.45 -39.95 19.68
N ASN D 159 13.69 -39.58 19.99
CA ASN D 159 14.58 -40.44 20.75
C ASN D 159 14.55 -40.17 22.25
N ALA D 160 13.78 -39.15 22.64
CA ALA D 160 13.58 -38.80 24.04
C ALA D 160 14.89 -38.57 24.81
N ASP D 161 15.76 -37.74 24.27
CA ASP D 161 17.02 -37.43 24.92
C ASP D 161 16.98 -36.07 25.59
N GLY D 162 15.83 -35.41 25.52
CA GLY D 162 15.63 -34.12 26.15
C GLY D 162 16.09 -32.95 25.30
N LYS D 163 16.56 -33.25 24.10
CA LYS D 163 17.04 -32.23 23.18
C LYS D 163 16.39 -32.40 21.80
N LEU D 164 16.23 -31.29 21.09
CA LEU D 164 15.68 -31.33 19.73
C LEU D 164 16.73 -30.95 18.69
N THR D 165 16.93 -31.83 17.72
CA THR D 165 17.80 -31.53 16.60
C THR D 165 17.00 -30.77 15.54
N LEU D 166 17.71 -30.25 14.54
CA LEU D 166 17.04 -29.55 13.44
C LEU D 166 16.12 -30.49 12.67
N GLN D 167 16.55 -31.74 12.54
CA GLN D 167 15.77 -32.75 11.84
C GLN D 167 14.48 -33.08 12.57
N GLU D 168 14.58 -33.24 13.88
CA GLU D 168 13.40 -33.50 14.71
C GLU D 168 12.46 -32.30 14.66
N PHE D 169 13.05 -31.11 14.64
CA PHE D 169 12.29 -29.87 14.61
C PHE D 169 11.59 -29.69 13.27
N GLN D 170 12.31 -29.99 12.19
CA GLN D 170 11.78 -29.85 10.84
C GLN D 170 10.67 -30.86 10.54
N GLU D 171 10.92 -32.13 10.86
CA GLU D 171 9.95 -33.19 10.59
C GLU D 171 8.70 -33.01 11.47
N GLY D 172 8.90 -32.59 12.71
CA GLY D 172 7.80 -32.37 13.62
C GLY D 172 6.87 -31.28 13.12
N SER D 173 7.44 -30.32 12.40
CA SER D 173 6.67 -29.22 11.85
C SER D 173 6.03 -29.61 10.51
CA CA E . -3.27 11.74 13.04
CA CA F . -17.73 -3.37 13.84
CA CA G . -24.47 -8.59 21.98
CA CA H . 9.12 14.23 -1.75
CA CA I . 16.85 0.21 -14.93
CA CA J . 22.32 0.05 -25.17
CA CA K . -23.46 13.73 -9.99
CA CA L . -24.98 7.19 -30.20
CA CA M . -25.96 -2.39 -36.05
CA CA N . 25.16 -6.42 13.34
CA CA O . 20.62 -25.17 22.71
CA CA P . 16.44 -35.62 20.27
#